data_7BJM
#
_entry.id   7BJM
#
_cell.length_a   44.930
_cell.length_b   65.950
_cell.length_c   54.290
_cell.angle_alpha   90.000
_cell.angle_beta   101.310
_cell.angle_gamma   90.000
#
_symmetry.space_group_name_H-M   'P 1 21 1'
#
loop_
_entity.id
_entity.type
_entity.pdbx_description
1 polymer 'Serine/threonine-protein kinase Chk1'
2 non-polymer 4-amino-6-{[(2-fluorophenyl)methyl]amino}-7-methyl-7H-pyrrolo[2,3-d]pyrimidine-5-carbonitrile
3 water water
#
_entity_poly.entity_id   1
_entity_poly.type   'polypeptide(L)'
_entity_poly.pdbx_seq_one_letter_code
;MAVPFVEDWDLVQTLGEGAYGEVQLAVNRVTEEAVAVKIVDMKRAVDCPENIKKEICILKMLNHENVIKFYGHRREGNIQ
YLFMELASGGSLFDRIEPDIGMPEPDAQRFFHQLMAGVVYLHGIGITHRDIKPHNLLLDERDNLKIADYSLATVFRYNNR
ERLLNKMCGTLPYVAPELLKRREFHAEPVDVWSCGIVLTAMLAGELPWDQPSDSCQEYSDWKEKKTYLNPWKKIDSAPLA
LLHKILVENPSARITIPDIKKDRWYNKPLKKGAKRPRVTSGGVSESPSGHHHHHHHH
;
_entity_poly.pdbx_strand_id   A
#
loop_
_chem_comp.id
_chem_comp.type
_chem_comp.name
_chem_comp.formula
TW2 non-polymer 4-amino-6-{[(2-fluorophenyl)methyl]amino}-7-methyl-7H-pyrrolo[2,3-d]pyrimidine-5-carbonitrile 'C15 H13 F N6'
#
# COMPACT_ATOMS: atom_id res chain seq x y z
N PHE A 5 17.79 5.91 26.49
CA PHE A 5 16.48 6.08 25.78
C PHE A 5 15.49 5.04 26.31
N VAL A 6 14.31 4.93 25.68
CA VAL A 6 13.13 4.16 26.19
C VAL A 6 13.54 2.76 26.67
N GLU A 7 13.55 2.55 27.99
CA GLU A 7 13.78 1.25 28.69
C GLU A 7 15.07 0.60 28.15
N ASP A 8 14.97 -0.55 27.48
CA ASP A 8 16.15 -1.36 27.05
C ASP A 8 16.72 -0.80 25.74
N TRP A 9 15.94 -0.09 24.92
CA TRP A 9 16.37 0.23 23.54
C TRP A 9 16.99 1.63 23.45
N ASP A 10 17.99 1.78 22.59
CA ASP A 10 18.61 3.07 22.15
C ASP A 10 17.95 3.49 20.85
N LEU A 11 17.47 4.73 20.74
CA LEU A 11 16.93 5.25 19.45
C LEU A 11 18.10 5.83 18.65
N VAL A 12 18.77 4.95 17.88
CA VAL A 12 20.02 5.27 17.12
C VAL A 12 19.72 6.32 16.04
N GLN A 13 19.14 5.95 14.90
CA GLN A 13 18.93 6.92 13.79
C GLN A 13 17.46 6.96 13.36
N THR A 14 17.06 8.09 12.80
CA THR A 14 15.68 8.37 12.30
C THR A 14 15.54 7.74 10.91
N LEU A 15 14.35 7.27 10.56
CA LEU A 15 14.10 6.68 9.22
C LEU A 15 12.87 7.33 8.56
N GLY A 16 12.00 7.98 9.34
CA GLY A 16 10.78 8.66 8.85
C GLY A 16 10.57 9.97 9.58
N GLU A 17 10.22 11.03 8.84
CA GLU A 17 9.87 12.37 9.39
C GLU A 17 8.55 12.80 8.74
N GLY A 18 7.41 12.37 9.33
CA GLY A 18 6.06 12.56 8.78
C GLY A 18 5.19 13.46 9.62
N ALA A 19 3.91 13.55 9.26
CA ALA A 19 2.89 14.43 9.90
C ALA A 19 2.23 13.69 11.08
N TYR A 20 2.23 12.34 11.06
CA TYR A 20 1.87 11.48 12.22
C TYR A 20 2.93 11.69 13.30
N GLY A 21 4.00 10.89 13.30
CA GLY A 21 5.20 11.06 14.13
C GLY A 21 6.44 10.60 13.37
N GLU A 22 7.59 10.52 14.04
CA GLU A 22 8.85 10.07 13.38
C GLU A 22 9.10 8.59 13.70
N VAL A 23 9.92 7.93 12.89
CA VAL A 23 10.25 6.49 13.07
C VAL A 23 11.76 6.36 13.25
N GLN A 24 12.16 5.73 14.36
CA GLN A 24 13.59 5.53 14.73
C GLN A 24 13.92 4.05 14.66
N LEU A 25 15.19 3.74 14.37
CA LEU A 25 15.75 2.37 14.49
C LEU A 25 16.16 2.20 15.95
N ALA A 26 15.55 1.24 16.66
CA ALA A 26 15.86 0.95 18.08
C ALA A 26 16.72 -0.32 18.18
N VAL A 27 18.03 -0.18 18.36
CA VAL A 27 18.92 -1.34 18.59
C VAL A 27 18.95 -1.57 20.10
N ASN A 28 18.47 -2.73 20.55
CA ASN A 28 18.56 -3.14 21.97
C ASN A 28 20.05 -3.31 22.29
N ARG A 29 20.55 -2.76 23.40
CA ARG A 29 22.01 -2.75 23.71
C ARG A 29 22.46 -4.13 24.22
N VAL A 30 21.51 -4.89 24.78
CA VAL A 30 21.68 -6.27 25.35
C VAL A 30 21.82 -7.28 24.21
N THR A 31 20.70 -7.58 23.53
CA THR A 31 20.49 -8.72 22.59
C THR A 31 20.96 -8.34 21.18
N GLU A 32 21.02 -7.03 20.89
CA GLU A 32 21.37 -6.38 19.59
C GLU A 32 20.18 -6.46 18.62
N GLU A 33 19.07 -7.08 19.06
CA GLU A 33 17.79 -7.17 18.32
C GLU A 33 17.44 -5.75 17.84
N ALA A 34 17.37 -5.53 16.54
CA ALA A 34 17.05 -4.21 15.96
C ALA A 34 15.59 -4.21 15.49
N VAL A 35 14.84 -3.16 15.83
CA VAL A 35 13.41 -2.98 15.43
C VAL A 35 13.21 -1.55 14.93
N ALA A 36 11.95 -1.17 14.69
CA ALA A 36 11.55 0.20 14.29
C ALA A 36 10.61 0.75 15.36
N VAL A 37 10.84 1.97 15.81
CA VAL A 37 9.97 2.63 16.83
C VAL A 37 9.37 3.88 16.20
N LYS A 38 8.04 4.02 16.28
CA LYS A 38 7.32 5.26 15.88
C LYS A 38 6.96 6.03 17.16
N ILE A 39 7.17 7.36 17.16
CA ILE A 39 7.02 8.27 18.33
C ILE A 39 5.93 9.32 18.05
N VAL A 40 4.99 9.47 18.99
CA VAL A 40 3.83 10.41 18.90
C VAL A 40 3.73 11.19 20.21
N ASN A 51 -8.14 6.96 18.79
CA ASN A 51 -7.86 7.16 17.34
C ASN A 51 -6.36 7.00 17.05
N ILE A 52 -5.52 6.93 18.09
CA ILE A 52 -4.22 6.19 18.07
C ILE A 52 -4.42 4.93 18.92
N LYS A 53 -5.48 4.92 19.73
CA LYS A 53 -6.08 3.71 20.35
C LYS A 53 -6.57 2.80 19.20
N LYS A 54 -7.20 3.40 18.19
CA LYS A 54 -7.74 2.69 16.99
C LYS A 54 -6.61 1.99 16.24
N GLU A 55 -5.51 2.70 15.96
CA GLU A 55 -4.33 2.20 15.20
C GLU A 55 -3.71 1.03 15.96
N ILE A 56 -3.49 1.18 17.27
CA ILE A 56 -2.79 0.18 18.13
C ILE A 56 -3.49 -1.18 18.01
N CYS A 57 -4.81 -1.24 18.17
CA CYS A 57 -5.52 -2.55 18.25
C CYS A 57 -5.65 -3.14 16.84
N ILE A 58 -5.69 -2.30 15.80
CA ILE A 58 -5.57 -2.79 14.39
C ILE A 58 -4.19 -3.45 14.23
N LEU A 59 -3.14 -2.77 14.67
CA LEU A 59 -1.75 -3.29 14.62
C LEU A 59 -1.64 -4.63 15.37
N LYS A 60 -2.24 -4.74 16.56
CA LYS A 60 -2.18 -5.98 17.38
C LYS A 60 -2.85 -7.13 16.62
N MET A 61 -3.82 -6.80 15.75
CA MET A 61 -4.54 -7.79 14.88
C MET A 61 -3.59 -8.41 13.83
N LEU A 62 -2.56 -7.68 13.37
CA LEU A 62 -1.78 -8.02 12.14
C LEU A 62 -0.79 -9.16 12.39
N ASN A 63 -0.86 -10.20 11.55
CA ASN A 63 -0.03 -11.41 11.68
C ASN A 63 0.09 -12.10 10.31
N HIS A 64 0.90 -11.52 9.42
CA HIS A 64 1.11 -12.02 8.04
C HIS A 64 2.49 -11.58 7.58
N GLU A 65 3.14 -12.35 6.70
CA GLU A 65 4.55 -12.09 6.32
C GLU A 65 4.66 -10.91 5.35
N ASN A 66 3.56 -10.40 4.78
CA ASN A 66 3.59 -9.23 3.87
C ASN A 66 2.95 -8.00 4.54
N VAL A 67 2.99 -7.97 5.87
CA VAL A 67 2.37 -6.93 6.73
C VAL A 67 3.37 -6.66 7.84
N ILE A 68 3.62 -5.39 8.17
CA ILE A 68 4.55 -5.01 9.26
C ILE A 68 4.00 -5.53 10.59
N LYS A 69 4.73 -6.48 11.20
CA LYS A 69 4.42 -7.10 12.52
C LYS A 69 4.53 -6.06 13.63
N PHE A 70 3.51 -5.97 14.46
CA PHE A 70 3.50 -5.15 15.68
C PHE A 70 4.16 -5.92 16.82
N TYR A 71 5.06 -5.26 17.56
CA TYR A 71 5.74 -5.84 18.74
C TYR A 71 5.05 -5.37 20.02
N GLY A 72 4.85 -4.06 20.20
CA GLY A 72 4.12 -3.54 21.38
C GLY A 72 4.20 -2.03 21.53
N HIS A 73 3.34 -1.47 22.38
CA HIS A 73 3.18 -0.03 22.69
C HIS A 73 3.81 0.28 24.06
N ARG A 74 4.18 1.55 24.26
CA ARG A 74 4.77 2.10 25.51
C ARG A 74 4.54 3.62 25.53
N ARG A 75 3.89 4.16 26.57
CA ARG A 75 3.68 5.62 26.76
C ARG A 75 4.79 6.19 27.67
N GLU A 76 5.10 7.49 27.53
CA GLU A 76 6.08 8.22 28.38
C GLU A 76 5.53 9.64 28.60
N GLY A 77 4.32 9.71 29.17
CA GLY A 77 3.58 10.95 29.47
C GLY A 77 2.96 11.57 28.22
N ASN A 78 3.76 12.29 27.42
CA ASN A 78 3.29 13.02 26.21
C ASN A 78 3.43 12.12 24.98
N ILE A 79 4.49 11.30 24.93
CA ILE A 79 4.96 10.58 23.70
C ILE A 79 4.63 9.07 23.80
N GLN A 80 3.94 8.53 22.78
CA GLN A 80 3.67 7.06 22.63
C GLN A 80 4.79 6.43 21.78
N TYR A 81 5.06 5.14 21.96
CA TYR A 81 6.14 4.40 21.26
C TYR A 81 5.63 3.08 20.65
N LEU A 82 5.58 2.98 19.32
CA LEU A 82 5.09 1.77 18.62
C LEU A 82 6.25 0.96 18.09
N PHE A 83 6.40 -0.25 18.61
CA PHE A 83 7.51 -1.17 18.28
C PHE A 83 7.03 -2.09 17.17
N MET A 84 7.66 -2.00 16.00
CA MET A 84 7.25 -2.83 14.83
C MET A 84 8.49 -3.46 14.20
N GLU A 85 8.25 -4.54 13.47
CA GLU A 85 9.23 -5.24 12.61
C GLU A 85 10.03 -4.18 11.84
N LEU A 86 11.36 -4.24 11.91
CA LEU A 86 12.22 -3.42 11.04
C LEU A 86 12.21 -4.00 9.62
N ALA A 87 12.25 -3.11 8.63
CA ALA A 87 12.46 -3.37 7.19
C ALA A 87 13.72 -2.60 6.76
N SER A 88 14.88 -3.25 6.78
CA SER A 88 16.20 -2.61 6.51
C SER A 88 16.37 -2.36 5.01
N GLY A 89 15.45 -2.84 4.17
CA GLY A 89 15.50 -2.65 2.69
C GLY A 89 14.95 -1.31 2.22
N GLY A 90 14.39 -0.48 3.10
CA GLY A 90 13.78 0.81 2.70
C GLY A 90 12.42 0.56 2.09
N SER A 91 12.00 1.37 1.11
CA SER A 91 10.65 1.30 0.51
C SER A 91 10.73 0.97 -0.97
N LEU A 92 9.62 0.44 -1.49
CA LEU A 92 9.42 0.17 -2.93
C LEU A 92 9.66 1.44 -3.74
N PHE A 93 9.28 2.58 -3.18
CA PHE A 93 9.42 3.89 -3.85
C PHE A 93 10.86 4.01 -4.33
N ASP A 94 11.82 3.57 -3.51
CA ASP A 94 13.27 3.76 -3.74
C ASP A 94 13.74 2.82 -4.85
N ARG A 95 13.01 1.73 -5.12
CA ARG A 95 13.35 0.77 -6.20
C ARG A 95 12.68 1.17 -7.53
N ILE A 96 11.92 2.25 -7.59
CA ILE A 96 11.34 2.72 -8.88
C ILE A 96 12.23 3.81 -9.47
N GLU A 97 12.87 3.55 -10.62
CA GLU A 97 13.66 4.56 -11.38
C GLU A 97 12.70 5.47 -12.13
N PRO A 98 12.77 6.81 -11.93
CA PRO A 98 11.91 7.73 -12.67
C PRO A 98 11.95 7.55 -14.20
N ASP A 99 10.76 7.39 -14.78
CA ASP A 99 10.53 7.32 -16.23
C ASP A 99 10.77 5.91 -16.75
N ILE A 100 11.32 5.02 -15.92
CA ILE A 100 11.70 3.65 -16.33
C ILE A 100 10.83 2.62 -15.59
N GLY A 101 10.88 2.63 -14.26
CA GLY A 101 10.17 1.67 -13.40
C GLY A 101 11.15 0.68 -12.83
N MET A 102 10.94 -0.60 -13.10
CA MET A 102 11.88 -1.67 -12.73
C MET A 102 11.68 -2.84 -13.68
N PRO A 103 12.58 -3.83 -13.67
CA PRO A 103 12.38 -5.04 -14.47
C PRO A 103 11.02 -5.69 -14.15
N GLU A 104 10.32 -6.07 -15.21
CA GLU A 104 8.95 -6.60 -15.14
C GLU A 104 8.89 -7.76 -14.14
N PRO A 105 9.86 -8.70 -14.12
CA PRO A 105 9.83 -9.79 -13.15
C PRO A 105 9.86 -9.33 -11.68
N ASP A 106 10.60 -8.27 -11.36
CA ASP A 106 10.65 -7.72 -9.98
C ASP A 106 9.28 -7.10 -9.65
N ALA A 107 8.69 -6.42 -10.63
CA ALA A 107 7.34 -5.82 -10.53
C ALA A 107 6.32 -6.93 -10.24
N GLN A 108 6.42 -8.06 -10.91
CA GLN A 108 5.45 -9.17 -10.70
C GLN A 108 5.57 -9.74 -9.30
N ARG A 109 6.79 -9.99 -8.85
CA ARG A 109 7.06 -10.56 -7.49
C ARG A 109 6.49 -9.59 -6.45
N PHE A 110 6.82 -8.31 -6.53
CA PHE A 110 6.29 -7.31 -5.56
C PHE A 110 4.75 -7.28 -5.62
N PHE A 111 4.17 -7.26 -6.83
CA PHE A 111 2.70 -7.30 -7.00
C PHE A 111 2.12 -8.59 -6.36
N HIS A 112 2.77 -9.75 -6.49
CA HIS A 112 2.34 -11.00 -5.80
C HIS A 112 2.28 -10.78 -4.27
N GLN A 113 3.36 -10.24 -3.70
CA GLN A 113 3.47 -10.06 -2.24
C GLN A 113 2.45 -9.02 -1.82
N LEU A 114 2.23 -8.01 -2.65
CA LEU A 114 1.27 -6.92 -2.32
C LEU A 114 -0.13 -7.50 -2.24
N MET A 115 -0.51 -8.30 -3.23
CA MET A 115 -1.84 -8.94 -3.28
C MET A 115 -2.02 -9.86 -2.07
N ALA A 116 -1.02 -10.68 -1.75
CA ALA A 116 -1.04 -11.53 -0.55
C ALA A 116 -1.37 -10.66 0.67
N GLY A 117 -0.64 -9.55 0.83
CA GLY A 117 -0.85 -8.58 1.93
C GLY A 117 -2.28 -8.04 1.93
N VAL A 118 -2.77 -7.59 0.78
CA VAL A 118 -4.10 -6.94 0.73
C VAL A 118 -5.16 -8.01 0.99
N VAL A 119 -4.96 -9.24 0.48
CA VAL A 119 -5.88 -10.42 0.70
C VAL A 119 -6.00 -10.67 2.21
N TYR A 120 -4.88 -10.75 2.91
CA TYR A 120 -4.86 -10.92 4.38
C TYR A 120 -5.71 -9.81 5.05
N LEU A 121 -5.35 -8.55 4.81
CA LEU A 121 -6.02 -7.40 5.48
C LEU A 121 -7.51 -7.53 5.23
N HIS A 122 -7.92 -7.68 3.97
CA HIS A 122 -9.35 -7.78 3.61
C HIS A 122 -9.95 -8.99 4.35
N GLY A 123 -9.19 -10.08 4.47
CA GLY A 123 -9.66 -11.32 5.11
C GLY A 123 -10.00 -11.08 6.56
N ILE A 124 -9.28 -10.19 7.24
CA ILE A 124 -9.55 -9.87 8.67
C ILE A 124 -10.43 -8.61 8.73
N GLY A 125 -11.03 -8.17 7.63
CA GLY A 125 -12.02 -7.06 7.59
C GLY A 125 -11.38 -5.68 7.78
N ILE A 126 -10.12 -5.53 7.36
CA ILE A 126 -9.33 -4.27 7.46
C ILE A 126 -9.03 -3.70 6.07
N THR A 127 -9.25 -2.41 5.89
CA THR A 127 -8.81 -1.66 4.68
C THR A 127 -7.67 -0.72 5.10
N HIS A 128 -6.57 -0.73 4.34
CA HIS A 128 -5.36 0.09 4.61
C HIS A 128 -5.66 1.55 4.26
N ARG A 129 -6.25 1.77 3.07
CA ARG A 129 -6.76 3.09 2.60
C ARG A 129 -5.66 4.02 2.08
N ASP A 130 -4.38 3.65 2.15
CA ASP A 130 -3.33 4.56 1.65
C ASP A 130 -2.15 3.77 1.08
N ILE A 131 -2.48 2.75 0.27
CA ILE A 131 -1.47 1.91 -0.44
C ILE A 131 -0.79 2.78 -1.50
N LYS A 132 0.52 2.86 -1.37
CA LYS A 132 1.39 3.55 -2.34
C LYS A 132 2.80 3.15 -1.99
N PRO A 133 3.76 3.36 -2.91
CA PRO A 133 5.08 2.76 -2.78
C PRO A 133 5.84 3.21 -1.53
N HIS A 134 5.58 4.42 -1.04
CA HIS A 134 6.16 4.96 0.20
C HIS A 134 5.79 4.10 1.40
N ASN A 135 4.64 3.41 1.35
CA ASN A 135 4.10 2.63 2.48
C ASN A 135 4.43 1.14 2.29
N LEU A 136 5.13 0.78 1.21
CA LEU A 136 5.46 -0.65 0.94
C LEU A 136 6.95 -0.84 1.17
N LEU A 137 7.30 -1.31 2.35
CA LEU A 137 8.70 -1.43 2.80
C LEU A 137 9.23 -2.83 2.45
N LEU A 138 10.55 -2.96 2.34
CA LEU A 138 11.25 -4.22 2.01
C LEU A 138 12.12 -4.62 3.20
N ASP A 139 12.16 -5.90 3.54
CA ASP A 139 13.17 -6.45 4.49
C ASP A 139 14.45 -6.74 3.69
N GLU A 140 15.44 -7.39 4.30
CA GLU A 140 16.82 -7.52 3.74
C GLU A 140 16.84 -8.54 2.60
N ARG A 141 15.83 -9.42 2.52
CA ARG A 141 15.66 -10.37 1.40
C ARG A 141 14.57 -9.83 0.43
N ASP A 142 14.38 -8.51 0.39
CA ASP A 142 13.46 -7.77 -0.53
C ASP A 142 12.03 -8.32 -0.49
N ASN A 143 11.57 -8.81 0.65
CA ASN A 143 10.14 -9.15 0.84
C ASN A 143 9.39 -7.87 1.21
N LEU A 144 8.23 -7.68 0.56
CA LEU A 144 7.38 -6.47 0.68
C LEU A 144 6.53 -6.60 1.94
N LYS A 145 6.39 -5.49 2.66
CA LYS A 145 5.51 -5.40 3.85
C LYS A 145 4.65 -4.16 3.71
N ILE A 146 3.34 -4.32 3.86
CA ILE A 146 2.40 -3.16 3.94
C ILE A 146 2.54 -2.52 5.32
N ALA A 147 2.96 -1.25 5.35
CA ALA A 147 3.20 -0.44 6.56
C ALA A 147 2.22 0.73 6.63
N ASP A 148 2.04 1.25 7.85
CA ASP A 148 1.34 2.50 8.23
C ASP A 148 -0.17 2.31 8.25
N TYR A 149 -0.68 1.93 9.42
CA TYR A 149 -2.12 1.63 9.62
C TYR A 149 -2.81 2.84 10.24
N SER A 150 -2.23 4.04 10.07
CA SER A 150 -2.76 5.30 10.66
C SER A 150 -4.05 5.75 9.94
N LEU A 151 -4.31 5.29 8.72
CA LEU A 151 -5.58 5.61 8.01
C LEU A 151 -6.47 4.35 7.99
N ALA A 152 -5.95 3.22 8.49
CA ALA A 152 -6.62 1.91 8.33
C ALA A 152 -7.90 1.89 9.19
N THR A 153 -8.92 1.17 8.75
CA THR A 153 -10.19 1.03 9.48
C THR A 153 -10.84 -0.32 9.14
N VAL A 154 -11.83 -0.69 9.95
CA VAL A 154 -12.60 -1.96 9.88
C VAL A 154 -13.73 -1.72 8.89
N PHE A 155 -13.88 -2.56 7.87
CA PHE A 155 -15.02 -2.49 6.92
C PHE A 155 -15.87 -3.73 7.03
N ARG A 156 -15.43 -4.73 7.80
CA ARG A 156 -16.27 -5.94 7.99
C ARG A 156 -16.11 -6.35 9.45
N TYR A 157 -17.22 -6.50 10.15
CA TYR A 157 -17.24 -6.92 11.56
C TYR A 157 -18.44 -7.84 11.76
N ASN A 158 -18.25 -8.96 12.47
CA ASN A 158 -19.35 -9.95 12.64
C ASN A 158 -19.95 -10.26 11.27
N ASN A 159 -19.12 -10.25 10.21
CA ASN A 159 -19.47 -10.73 8.85
C ASN A 159 -20.44 -9.77 8.14
N ARG A 160 -20.58 -8.54 8.63
CA ARG A 160 -21.37 -7.47 7.98
C ARG A 160 -20.41 -6.38 7.49
N GLU A 161 -20.53 -6.03 6.22
CA GLU A 161 -19.70 -4.99 5.62
C GLU A 161 -20.30 -3.64 6.02
N ARG A 162 -19.47 -2.66 6.33
CA ARG A 162 -19.89 -1.23 6.38
C ARG A 162 -19.18 -0.48 5.25
N LEU A 163 -19.94 0.36 4.54
CA LEU A 163 -19.43 1.27 3.51
C LEU A 163 -18.63 2.37 4.20
N LEU A 164 -17.67 2.94 3.48
CA LEU A 164 -16.85 4.06 4.01
C LEU A 164 -17.46 5.37 3.52
N ASN A 165 -17.18 6.46 4.23
CA ASN A 165 -17.53 7.82 3.76
C ASN A 165 -16.42 8.84 4.07
N LYS A 166 -15.51 8.58 5.02
CA LYS A 166 -14.30 9.44 5.16
C LYS A 166 -13.53 9.34 3.83
N MET A 167 -13.24 10.48 3.22
CA MET A 167 -12.27 10.60 2.11
C MET A 167 -10.87 10.62 2.71
N CYS A 168 -9.96 9.75 2.25
CA CYS A 168 -8.54 9.85 2.66
C CYS A 168 -7.63 9.05 1.73
N GLY A 169 -6.33 9.17 1.95
CA GLY A 169 -5.29 8.61 1.06
C GLY A 169 -4.62 9.71 0.28
N THR A 170 -4.12 9.36 -0.90
CA THR A 170 -3.22 10.21 -1.71
C THR A 170 -3.83 10.32 -3.10
N LEU A 171 -4.09 11.54 -3.56
CA LEU A 171 -4.98 11.81 -4.72
C LEU A 171 -4.58 10.95 -5.93
N PRO A 172 -3.29 10.81 -6.30
CA PRO A 172 -2.95 10.05 -7.50
C PRO A 172 -3.25 8.54 -7.36
N TYR A 173 -3.32 8.02 -6.14
CA TYR A 173 -3.55 6.59 -5.85
C TYR A 173 -5.03 6.30 -5.60
N VAL A 174 -5.80 7.35 -5.39
CA VAL A 174 -7.17 7.26 -4.85
C VAL A 174 -8.12 6.84 -5.98
N ALA A 175 -9.16 6.06 -5.66
CA ALA A 175 -10.13 5.55 -6.63
C ALA A 175 -11.17 6.63 -6.96
N PRO A 176 -11.73 6.66 -8.18
CA PRO A 176 -12.71 7.69 -8.55
C PRO A 176 -13.97 7.76 -7.67
N GLU A 177 -14.50 6.63 -7.19
CA GLU A 177 -15.77 6.61 -6.41
C GLU A 177 -15.62 7.43 -5.13
N LEU A 178 -14.40 7.53 -4.61
CA LEU A 178 -14.13 8.24 -3.35
C LEU A 178 -14.28 9.76 -3.57
N LEU A 179 -13.96 10.25 -4.77
CA LEU A 179 -14.20 11.67 -5.14
C LEU A 179 -15.70 11.92 -5.40
N LYS A 180 -16.48 10.92 -5.81
CA LYS A 180 -17.84 11.17 -6.38
C LYS A 180 -18.95 10.65 -5.48
N ARG A 181 -18.81 9.47 -4.88
CA ARG A 181 -19.93 8.83 -4.15
C ARG A 181 -19.89 9.30 -2.70
N ARG A 182 -21.08 9.48 -2.12
CA ARG A 182 -21.33 9.72 -0.67
C ARG A 182 -20.71 8.58 0.16
N GLU A 183 -20.87 7.33 -0.30
CA GLU A 183 -20.39 6.10 0.39
C GLU A 183 -19.97 5.09 -0.66
N PHE A 184 -19.04 4.22 -0.32
CA PHE A 184 -18.40 3.28 -1.27
C PHE A 184 -17.75 2.12 -0.51
N HIS A 185 -17.58 1.00 -1.23
CA HIS A 185 -17.01 -0.24 -0.67
C HIS A 185 -15.51 -0.05 -0.50
N ALA A 186 -14.95 -0.57 0.60
CA ALA A 186 -13.54 -0.43 0.97
C ALA A 186 -12.62 -1.14 -0.04
N GLU A 187 -13.00 -2.33 -0.47
CA GLU A 187 -12.06 -3.27 -1.13
C GLU A 187 -11.71 -2.76 -2.53
N PRO A 188 -12.67 -2.39 -3.41
CA PRO A 188 -12.31 -1.84 -4.71
C PRO A 188 -11.36 -0.65 -4.60
N VAL A 189 -11.46 0.12 -3.51
CA VAL A 189 -10.59 1.30 -3.36
C VAL A 189 -9.16 0.80 -3.24
N ASP A 190 -8.91 -0.23 -2.44
CA ASP A 190 -7.53 -0.78 -2.26
C ASP A 190 -7.02 -1.48 -3.54
N VAL A 191 -7.90 -2.13 -4.30
CA VAL A 191 -7.53 -2.80 -5.56
C VAL A 191 -7.04 -1.72 -6.54
N TRP A 192 -7.79 -0.64 -6.63
CA TRP A 192 -7.49 0.52 -7.51
C TRP A 192 -6.07 1.00 -7.23
N SER A 193 -5.76 1.29 -5.97
CA SER A 193 -4.45 1.90 -5.63
C SER A 193 -3.35 0.89 -5.93
N CYS A 194 -3.64 -0.40 -5.80
CA CYS A 194 -2.68 -1.48 -6.18
C CYS A 194 -2.38 -1.40 -7.67
N GLY A 195 -3.39 -1.11 -8.49
CA GLY A 195 -3.24 -0.87 -9.93
C GLY A 195 -2.35 0.34 -10.21
N ILE A 196 -2.54 1.42 -9.48
CA ILE A 196 -1.70 2.64 -9.65
C ILE A 196 -0.27 2.23 -9.28
N VAL A 197 -0.08 1.44 -8.23
CA VAL A 197 1.29 1.02 -7.81
C VAL A 197 1.89 0.19 -8.93
N LEU A 198 1.10 -0.69 -9.56
CA LEU A 198 1.62 -1.56 -10.65
C LEU A 198 2.07 -0.68 -11.83
N THR A 199 1.31 0.34 -12.18
CA THR A 199 1.65 1.31 -13.25
C THR A 199 2.98 1.96 -12.93
N ALA A 200 3.12 2.46 -11.71
CA ALA A 200 4.35 3.15 -11.26
C ALA A 200 5.54 2.18 -11.33
N MET A 201 5.37 0.92 -10.95
CA MET A 201 6.48 -0.09 -11.00
C MET A 201 6.89 -0.36 -12.45
N LEU A 202 5.96 -0.32 -13.40
CA LEU A 202 6.28 -0.73 -14.79
C LEU A 202 6.64 0.47 -15.66
N ALA A 203 6.35 1.70 -15.22
CA ALA A 203 6.47 2.91 -16.08
C ALA A 203 7.29 4.00 -15.41
N GLY A 204 7.47 3.94 -14.09
CA GLY A 204 8.23 4.95 -13.32
C GLY A 204 7.60 6.33 -13.38
N GLU A 205 6.29 6.39 -13.61
CA GLU A 205 5.48 7.64 -13.52
C GLU A 205 4.03 7.25 -13.16
N LEU A 206 3.29 8.18 -12.54
CA LEU A 206 1.88 7.99 -12.16
C LEU A 206 1.00 8.44 -13.32
N PRO A 207 -0.13 7.77 -13.63
CA PRO A 207 -0.90 8.12 -14.82
C PRO A 207 -1.56 9.51 -14.77
N TRP A 208 -2.01 9.96 -13.60
CA TRP A 208 -2.79 11.22 -13.44
C TRP A 208 -2.59 11.74 -12.03
N ASP A 209 -2.91 13.01 -11.82
CA ASP A 209 -2.85 13.68 -10.50
C ASP A 209 -4.09 13.27 -9.69
N GLN A 210 -5.21 13.03 -10.37
CA GLN A 210 -6.54 12.73 -9.79
C GLN A 210 -7.34 11.97 -10.82
N PRO A 211 -8.14 10.98 -10.40
CA PRO A 211 -9.09 10.32 -11.31
C PRO A 211 -10.41 11.09 -11.47
N SER A 212 -10.33 12.36 -11.82
CA SER A 212 -11.53 13.23 -11.94
C SER A 212 -11.79 13.52 -13.42
N ASP A 213 -13.04 13.78 -13.77
CA ASP A 213 -13.48 14.03 -15.17
C ASP A 213 -12.82 15.33 -15.68
N SER A 214 -12.19 16.11 -14.80
CA SER A 214 -11.50 17.38 -15.13
C SER A 214 -9.98 17.16 -15.32
N CYS A 215 -9.51 15.91 -15.36
CA CYS A 215 -8.06 15.57 -15.49
C CYS A 215 -7.84 14.90 -16.85
N GLN A 216 -7.09 15.57 -17.73
CA GLN A 216 -6.97 15.20 -19.17
C GLN A 216 -6.52 13.75 -19.28
N GLU A 217 -5.45 13.40 -18.56
CA GLU A 217 -4.74 12.10 -18.64
C GLU A 217 -5.70 10.97 -18.24
N TYR A 218 -6.57 11.24 -17.27
CA TYR A 218 -7.58 10.28 -16.81
C TYR A 218 -8.66 10.16 -17.89
N SER A 219 -9.07 11.26 -18.52
CA SER A 219 -10.05 11.21 -19.64
C SER A 219 -9.45 10.40 -20.79
N ASP A 220 -8.17 10.66 -21.07
CA ASP A 220 -7.38 9.94 -22.10
C ASP A 220 -7.41 8.43 -21.82
N TRP A 221 -7.30 8.03 -20.55
CA TRP A 221 -7.35 6.59 -20.18
C TRP A 221 -8.76 6.05 -20.40
N LYS A 222 -9.79 6.76 -19.96
CA LYS A 222 -11.20 6.30 -20.18
C LYS A 222 -11.44 6.17 -21.68
N GLU A 223 -10.88 7.04 -22.49
CA GLU A 223 -10.97 7.00 -23.98
C GLU A 223 -9.93 6.05 -24.59
N LYS A 224 -9.21 5.26 -23.78
CA LYS A 224 -8.37 4.09 -24.20
C LYS A 224 -7.24 4.51 -25.14
N LYS A 225 -6.71 5.70 -24.96
CA LYS A 225 -5.54 6.19 -25.74
C LYS A 225 -4.25 5.63 -25.14
N THR A 226 -3.97 4.34 -25.30
CA THR A 226 -2.83 3.66 -24.62
C THR A 226 -1.57 3.79 -25.48
N TYR A 227 -1.67 4.52 -26.59
CA TYR A 227 -0.52 4.96 -27.40
C TYR A 227 0.19 6.09 -26.65
N LEU A 228 -0.41 6.69 -25.62
CA LEU A 228 0.22 7.75 -24.77
C LEU A 228 0.94 7.10 -23.58
N ASN A 229 1.87 7.83 -22.98
CA ASN A 229 2.54 7.49 -21.69
C ASN A 229 1.53 7.63 -20.56
N PRO A 230 1.63 6.82 -19.48
CA PRO A 230 2.71 5.83 -19.34
C PRO A 230 2.45 4.48 -19.99
N TRP A 231 1.25 4.29 -20.54
CA TRP A 231 0.69 2.98 -20.97
C TRP A 231 1.57 2.36 -22.06
N LYS A 232 2.19 3.19 -22.92
CA LYS A 232 2.98 2.68 -24.06
C LYS A 232 4.32 2.13 -23.57
N LYS A 233 4.77 2.42 -22.35
CA LYS A 233 5.96 1.75 -21.78
C LYS A 233 5.65 0.36 -21.21
N ILE A 234 4.38 -0.08 -21.26
CA ILE A 234 3.89 -1.27 -20.52
C ILE A 234 3.55 -2.35 -21.55
N ASP A 235 4.14 -3.54 -21.37
CA ASP A 235 3.85 -4.70 -22.22
C ASP A 235 2.35 -5.00 -22.16
N SER A 236 1.82 -5.53 -23.25
CA SER A 236 0.40 -5.81 -23.46
C SER A 236 -0.16 -6.70 -22.32
N ALA A 237 0.62 -7.65 -21.77
CA ALA A 237 0.07 -8.59 -20.75
C ALA A 237 -0.35 -7.82 -19.49
N PRO A 238 0.57 -7.12 -18.79
CA PRO A 238 0.19 -6.34 -17.62
C PRO A 238 -0.79 -5.22 -17.95
N LEU A 239 -0.71 -4.64 -19.14
CA LEU A 239 -1.62 -3.55 -19.57
C LEU A 239 -3.06 -4.08 -19.52
N ALA A 240 -3.24 -5.33 -19.98
CA ALA A 240 -4.55 -6.01 -19.95
C ALA A 240 -5.04 -6.13 -18.49
N LEU A 241 -4.15 -6.43 -17.53
CA LEU A 241 -4.57 -6.49 -16.10
C LEU A 241 -4.93 -5.08 -15.62
N LEU A 242 -4.08 -4.11 -15.94
CA LEU A 242 -4.36 -2.69 -15.62
C LEU A 242 -5.70 -2.27 -16.26
N HIS A 243 -6.06 -2.82 -17.41
CA HIS A 243 -7.36 -2.52 -18.03
C HIS A 243 -8.49 -2.99 -17.12
N LYS A 244 -8.32 -4.11 -16.41
CA LYS A 244 -9.42 -4.68 -15.58
C LYS A 244 -9.44 -3.98 -14.22
N ILE A 245 -8.27 -3.54 -13.72
CA ILE A 245 -8.11 -2.95 -12.36
C ILE A 245 -8.60 -1.50 -12.42
N LEU A 246 -8.15 -0.70 -13.37
CA LEU A 246 -8.48 0.75 -13.33
C LEU A 246 -9.77 0.96 -14.12
N VAL A 247 -10.86 0.35 -13.65
CA VAL A 247 -12.22 0.53 -14.20
C VAL A 247 -12.92 1.52 -13.26
N GLU A 248 -13.58 2.52 -13.81
CA GLU A 248 -14.17 3.62 -13.01
C GLU A 248 -15.32 3.07 -12.17
N ASN A 249 -16.14 2.18 -12.71
CA ASN A 249 -17.29 1.63 -11.97
C ASN A 249 -16.74 0.58 -11.01
N PRO A 250 -16.86 0.81 -9.68
CA PRO A 250 -16.25 -0.06 -8.68
C PRO A 250 -16.86 -1.46 -8.70
N SER A 251 -18.08 -1.57 -9.21
CA SER A 251 -18.79 -2.88 -9.32
C SER A 251 -18.30 -3.68 -10.55
N ALA A 252 -17.82 -3.05 -11.61
CA ALA A 252 -17.24 -3.74 -12.79
C ALA A 252 -15.74 -3.98 -12.59
N ARG A 253 -15.11 -3.31 -11.63
CA ARG A 253 -13.65 -3.46 -11.40
C ARG A 253 -13.35 -4.90 -10.96
N ILE A 254 -12.24 -5.44 -11.43
CA ILE A 254 -11.81 -6.82 -11.08
C ILE A 254 -11.60 -6.93 -9.56
N THR A 255 -11.96 -8.07 -9.01
CA THR A 255 -11.70 -8.45 -7.61
C THR A 255 -10.40 -9.23 -7.53
N ILE A 256 -9.84 -9.36 -6.34
CA ILE A 256 -8.53 -10.01 -6.14
C ILE A 256 -8.61 -11.47 -6.61
N PRO A 257 -9.65 -12.26 -6.23
CA PRO A 257 -9.75 -13.65 -6.73
C PRO A 257 -9.58 -13.72 -8.26
N ASP A 258 -10.18 -12.77 -8.99
CA ASP A 258 -10.16 -12.74 -10.48
C ASP A 258 -8.83 -12.18 -10.97
N ILE A 259 -8.18 -11.27 -10.23
CA ILE A 259 -6.76 -10.85 -10.50
C ILE A 259 -5.89 -12.10 -10.45
N LYS A 260 -6.13 -13.00 -9.49
CA LYS A 260 -5.27 -14.20 -9.28
C LYS A 260 -5.36 -15.13 -10.50
N LYS A 261 -6.36 -14.99 -11.36
CA LYS A 261 -6.59 -15.83 -12.57
C LYS A 261 -6.06 -15.12 -13.81
N ASP A 262 -5.63 -13.86 -13.68
CA ASP A 262 -5.16 -13.05 -14.82
C ASP A 262 -3.93 -13.72 -15.45
N ARG A 263 -3.82 -13.64 -16.78
CA ARG A 263 -2.72 -14.29 -17.55
C ARG A 263 -1.36 -13.76 -17.07
N TRP A 264 -1.17 -12.44 -17.01
CA TRP A 264 0.13 -11.84 -16.64
C TRP A 264 0.47 -12.19 -15.17
N TYR A 265 -0.52 -12.15 -14.28
CA TYR A 265 -0.33 -12.50 -12.85
C TYR A 265 0.29 -13.89 -12.74
N ASN A 266 -0.03 -14.79 -13.69
CA ASN A 266 0.36 -16.22 -13.66
C ASN A 266 1.48 -16.50 -14.68
N LYS A 267 2.11 -15.47 -15.25
CA LYS A 267 3.23 -15.65 -16.21
C LYS A 267 4.53 -15.86 -15.44
N PRO A 268 5.28 -16.92 -15.81
CA PRO A 268 6.63 -17.11 -15.27
C PRO A 268 7.60 -16.07 -15.86
N LEU A 269 8.41 -15.43 -15.02
CA LEU A 269 9.39 -14.38 -15.44
C LEU A 269 10.63 -14.51 -14.53
N LYS A 270 11.83 -14.11 -14.96
CA LYS A 270 13.06 -14.17 -14.09
C LYS A 270 13.95 -12.94 -14.33
C1 TW2 B . 11.87 3.85 7.11
N1 TW2 B . 10.84 3.10 7.81
C2 TW2 B . 9.56 3.53 8.06
N2 TW2 B . 9.13 4.78 7.68
C3 TW2 B . 7.94 5.35 8.26
N3 TW2 B . 6.40 2.43 9.53
C4 TW2 B . 6.85 5.54 7.25
N4 TW2 B . 8.63 -0.32 10.08
C5 TW2 B . 7.16 5.95 5.97
N5 TW2 B . 10.85 -0.61 9.44
C6 TW2 B . 6.14 6.17 5.05
N6 TW2 B . 12.07 1.05 8.32
C7 TW2 B . 4.83 5.97 5.43
C8 TW2 B . 4.52 5.56 6.71
C9 TW2 B . 5.53 5.35 7.62
C10 TW2 B . 8.86 2.51 8.75
C11 TW2 B . 7.51 2.50 9.21
C12 TW2 B . 9.80 1.44 8.92
C13 TW2 B . 9.74 0.15 9.49
C14 TW2 B . 11.99 -0.16 8.86
C15 TW2 B . 11.00 1.85 8.32
F1 TW2 B . 5.22 4.96 8.88
#